data_7JFY
#
_entry.id   7JFY
#
_cell.length_a   117.266
_cell.length_b   112.503
_cell.length_c   63.222
_cell.angle_alpha   90.000
_cell.angle_beta   116.743
_cell.angle_gamma   90.000
#
_symmetry.space_group_name_H-M   'C 1 2 1'
#
loop_
_entity.id
_entity.type
_entity.pdbx_description
1 polymer 'YEATS domain-containing protein 4'
2 non-polymer N-(5-{3-[(2S)-1,3-thiazolidin-2-yl]azetidine-1-carbonyl}thiophen-2-yl)-L-prolinamide
3 non-polymer 1,2-ETHANEDIOL
4 non-polymer 'DIMETHYL SULFOXIDE'
5 water water
#
_entity_poly.entity_id   1
_entity_poly.type   'polypeptide(L)'
_entity_poly.pdbx_seq_one_letter_code
;GAMDPMFKRMAEFGPDSGGRVKGVTIVKPIVYGNVARYFGKKREEDGHTHQWTVYVKPYRNEDMSAYVKKIQFKLHESYG
NPLRVVTKPPYEITETGWGEFEIIIKIFFIDPNERPVTLYHLLKLFQSDTNAMLGKKTVVSEFYDEMIFQDPT
;
_entity_poly.pdbx_strand_id   B,A,C,D
#
loop_
_chem_comp.id
_chem_comp.type
_chem_comp.name
_chem_comp.formula
DMS non-polymer 'DIMETHYL SULFOXIDE' 'C2 H6 O S'
EDO non-polymer 1,2-ETHANEDIOL 'C2 H6 O2'
V91 non-polymer N-(5-{3-[(2S)-1,3-thiazolidin-2-yl]azetidine-1-carbonyl}thiophen-2-yl)-L-prolinamide 'C16 H18 N4 O2 S2'
#
# COMPACT_ATOMS: atom_id res chain seq x y z
N THR A 25 -5.46 -30.50 -7.73
CA THR A 25 -5.22 -29.65 -6.56
C THR A 25 -5.75 -28.25 -6.81
N ILE A 26 -6.29 -27.62 -5.76
CA ILE A 26 -6.80 -26.26 -5.83
C ILE A 26 -5.92 -25.37 -4.97
N VAL A 27 -5.49 -24.24 -5.53
CA VAL A 27 -4.61 -23.30 -4.84
C VAL A 27 -5.40 -22.04 -4.53
N LYS A 28 -5.39 -21.64 -3.26
CA LYS A 28 -6.08 -20.43 -2.81
C LYS A 28 -5.06 -19.46 -2.24
N PRO A 29 -4.54 -18.52 -3.03
CA PRO A 29 -3.57 -17.57 -2.51
C PRO A 29 -4.21 -16.60 -1.53
N ILE A 30 -3.47 -16.26 -0.47
CA ILE A 30 -3.95 -15.35 0.56
C ILE A 30 -2.83 -14.37 0.92
N VAL A 31 -3.22 -13.30 1.61
CA VAL A 31 -2.30 -12.38 2.25
C VAL A 31 -2.72 -12.23 3.70
N TYR A 32 -1.72 -12.07 4.56
CA TYR A 32 -1.96 -11.91 5.99
C TYR A 32 -0.93 -10.94 6.55
N GLY A 33 -1.23 -10.42 7.72
CA GLY A 33 -0.37 -9.46 8.35
C GLY A 33 -1.19 -8.48 9.18
N ASN A 34 -0.71 -7.25 9.25
CA ASN A 34 -1.38 -6.24 10.06
C ASN A 34 -1.08 -4.85 9.55
N VAL A 35 -1.97 -3.92 9.93
CA VAL A 35 -1.79 -2.50 9.70
CA VAL A 35 -1.83 -2.50 9.70
C VAL A 35 -1.85 -1.80 11.05
N ALA A 36 -1.02 -0.78 11.23
CA ALA A 36 -0.94 -0.09 12.51
C ALA A 36 -0.92 1.42 12.30
N ARG A 37 -1.33 2.13 13.34
CA ARG A 37 -1.37 3.59 13.32
C ARG A 37 -1.12 4.13 14.71
N TYR A 38 -0.21 5.09 14.81
CA TYR A 38 0.13 5.70 16.10
C TYR A 38 -0.98 6.64 16.56
N PHE A 39 -1.27 6.61 17.86
CA PHE A 39 -2.31 7.46 18.42
C PHE A 39 -1.99 8.94 18.25
N GLY A 40 -0.71 9.30 18.30
CA GLY A 40 -0.28 10.68 18.44
C GLY A 40 0.22 11.01 19.83
N LYS A 41 -0.18 10.22 20.83
CA LYS A 41 0.31 10.33 22.19
C LYS A 41 0.01 9.02 22.89
N LYS A 42 0.40 8.92 24.17
CA LYS A 42 0.14 7.73 24.97
C LYS A 42 -1.14 7.91 25.78
N ARG A 43 -2.04 6.94 25.66
CA ARG A 43 -3.26 6.98 26.44
C ARG A 43 -2.96 6.71 27.91
N GLU A 44 -3.40 7.61 28.78
CA GLU A 44 -3.06 7.54 30.19
C GLU A 44 -3.83 6.45 30.94
N GLU A 45 -4.91 5.93 30.36
CA GLU A 45 -5.72 4.95 31.07
C GLU A 45 -5.05 3.57 31.07
N ASP A 46 -4.39 3.19 29.98
CA ASP A 46 -3.80 1.86 29.88
C ASP A 46 -2.41 1.86 29.27
N GLY A 47 -1.84 3.01 28.92
CA GLY A 47 -0.52 3.07 28.32
C GLY A 47 -0.47 2.68 26.86
N HIS A 48 -1.61 2.53 26.19
CA HIS A 48 -1.63 2.16 24.79
C HIS A 48 -1.21 3.33 23.91
N THR A 49 -0.52 3.01 22.82
CA THR A 49 -0.03 4.01 21.88
C THR A 49 -0.45 3.79 20.44
N HIS A 50 -0.84 2.57 20.06
CA HIS A 50 -1.16 2.26 18.68
C HIS A 50 -2.46 1.49 18.59
N GLN A 51 -3.15 1.66 17.47
CA GLN A 51 -4.24 0.80 17.07
C GLN A 51 -3.78 -0.04 15.88
N TRP A 52 -4.12 -1.33 15.90
CA TRP A 52 -3.69 -2.23 14.85
C TRP A 52 -4.82 -3.19 14.48
N THR A 53 -4.75 -3.69 13.25
CA THR A 53 -5.73 -4.64 12.72
C THR A 53 -4.96 -5.78 12.06
N VAL A 54 -5.00 -6.95 12.68
CA VAL A 54 -4.45 -8.16 12.08
C VAL A 54 -5.53 -8.81 11.23
N TYR A 55 -5.13 -9.41 10.11
CA TYR A 55 -6.13 -9.85 9.14
C TYR A 55 -5.60 -11.01 8.31
N VAL A 56 -6.54 -11.69 7.65
CA VAL A 56 -6.26 -12.61 6.56
C VAL A 56 -7.22 -12.30 5.42
N LYS A 57 -6.67 -12.10 4.23
CA LYS A 57 -7.47 -11.76 3.06
C LYS A 57 -7.15 -12.69 1.91
N PRO A 58 -8.11 -12.90 1.01
CA PRO A 58 -7.77 -13.56 -0.26
C PRO A 58 -6.92 -12.63 -1.12
N TYR A 59 -6.07 -13.22 -1.95
CA TYR A 59 -5.20 -12.40 -2.80
C TYR A 59 -6.01 -11.58 -3.78
N ARG A 60 -6.94 -12.22 -4.48
CA ARG A 60 -7.90 -11.54 -5.34
C ARG A 60 -9.20 -11.32 -4.57
N ASN A 61 -10.11 -10.57 -5.19
CA ASN A 61 -11.38 -10.22 -4.55
C ASN A 61 -12.34 -11.40 -4.68
N GLU A 62 -12.19 -12.36 -3.75
CA GLU A 62 -13.02 -13.55 -3.70
C GLU A 62 -13.66 -13.68 -2.33
N ASP A 63 -14.58 -14.64 -2.23
CA ASP A 63 -15.28 -14.94 -0.98
C ASP A 63 -14.63 -16.18 -0.37
N MET A 64 -13.84 -15.98 0.68
CA MET A 64 -13.19 -17.11 1.34
C MET A 64 -14.17 -17.92 2.19
N SER A 65 -15.29 -17.33 2.58
CA SER A 65 -16.26 -18.04 3.43
C SER A 65 -16.97 -19.18 2.69
N ALA A 66 -16.67 -19.40 1.41
CA ALA A 66 -17.21 -20.56 0.72
C ALA A 66 -16.52 -21.84 1.16
N TYR A 67 -15.29 -21.75 1.67
CA TYR A 67 -14.55 -22.92 2.13
C TYR A 67 -13.90 -22.74 3.49
N VAL A 68 -13.98 -21.55 4.09
CA VAL A 68 -13.38 -21.28 5.39
C VAL A 68 -14.47 -21.26 6.44
N LYS A 69 -14.32 -22.08 7.47
CA LYS A 69 -15.30 -22.12 8.56
C LYS A 69 -15.05 -20.99 9.56
N LYS A 70 -13.79 -20.84 9.99
CA LYS A 70 -13.45 -19.82 10.98
C LYS A 70 -11.94 -19.60 10.94
N ILE A 71 -11.51 -18.47 11.49
CA ILE A 71 -10.10 -18.13 11.60
C ILE A 71 -9.85 -17.64 13.02
N GLN A 72 -8.91 -18.28 13.70
CA GLN A 72 -8.53 -17.91 15.07
C GLN A 72 -7.32 -17.00 15.04
N PHE A 73 -7.33 -15.98 15.90
CA PHE A 73 -6.21 -15.06 16.07
C PHE A 73 -5.79 -15.12 17.54
N LYS A 74 -4.68 -15.81 17.81
CA LYS A 74 -4.20 -16.00 19.17
C LYS A 74 -3.30 -14.82 19.53
N LEU A 75 -3.84 -13.88 20.31
CA LEU A 75 -3.07 -12.73 20.76
C LEU A 75 -2.24 -13.10 21.99
N HIS A 76 -1.47 -12.12 22.48
CA HIS A 76 -0.71 -12.33 23.70
C HIS A 76 -1.65 -12.62 24.86
N GLU A 77 -1.18 -13.47 25.78
CA GLU A 77 -2.03 -13.95 26.87
C GLU A 77 -2.52 -12.85 27.79
N SER A 78 -1.94 -11.65 27.73
CA SER A 78 -2.38 -10.57 28.60
C SER A 78 -3.71 -9.99 28.16
N TYR A 79 -4.03 -10.06 26.86
CA TYR A 79 -5.28 -9.51 26.36
C TYR A 79 -6.48 -10.28 26.90
N GLY A 80 -7.60 -9.59 27.01
CA GLY A 80 -8.84 -10.25 27.39
C GLY A 80 -9.38 -11.07 26.23
N ASN A 81 -9.77 -12.31 26.52
CA ASN A 81 -10.16 -13.29 25.51
C ASN A 81 -9.08 -13.35 24.44
N PRO A 82 -7.88 -13.83 24.77
CA PRO A 82 -6.77 -13.77 23.80
C PRO A 82 -6.98 -14.66 22.58
N LEU A 83 -7.84 -15.67 22.66
CA LEU A 83 -8.14 -16.52 21.50
C LEU A 83 -9.37 -15.94 20.81
N ARG A 84 -9.14 -14.99 19.92
CA ARG A 84 -10.23 -14.38 19.15
C ARG A 84 -10.59 -15.26 17.97
N VAL A 85 -11.89 -15.46 17.75
CA VAL A 85 -12.39 -16.32 16.69
C VAL A 85 -13.31 -15.50 15.80
N VAL A 86 -13.04 -15.51 14.49
CA VAL A 86 -13.85 -14.83 13.50
C VAL A 86 -14.48 -15.90 12.61
N THR A 87 -15.80 -16.02 12.66
CA THR A 87 -16.51 -17.06 11.94
C THR A 87 -17.10 -16.58 10.61
N LYS A 88 -17.16 -15.28 10.37
CA LYS A 88 -17.70 -14.73 9.15
C LYS A 88 -16.82 -13.57 8.69
N PRO A 89 -16.72 -13.34 7.37
CA PRO A 89 -15.85 -12.28 6.86
C PRO A 89 -16.34 -10.91 7.30
N PRO A 90 -15.44 -9.92 7.38
CA PRO A 90 -14.01 -10.03 7.08
C PRO A 90 -13.21 -10.59 8.24
N TYR A 91 -12.15 -11.33 7.93
CA TYR A 91 -11.34 -11.99 8.96
C TYR A 91 -10.29 -11.00 9.45
N GLU A 92 -10.73 -10.10 10.32
CA GLU A 92 -9.89 -9.05 10.87
C GLU A 92 -10.16 -8.92 12.36
N ILE A 93 -9.12 -8.53 13.10
CA ILE A 93 -9.23 -8.24 14.53
C ILE A 93 -8.53 -6.92 14.79
N THR A 94 -9.27 -5.95 15.29
CA THR A 94 -8.76 -4.62 15.60
C THR A 94 -8.62 -4.47 17.11
N GLU A 95 -7.43 -4.06 17.55
CA GLU A 95 -7.18 -3.83 18.97
C GLU A 95 -6.14 -2.72 19.10
N THR A 96 -5.82 -2.39 20.34
CA THR A 96 -4.82 -1.38 20.66
C THR A 96 -3.77 -1.98 21.58
N GLY A 97 -2.68 -1.25 21.76
CA GLY A 97 -1.60 -1.71 22.62
C GLY A 97 -0.41 -0.78 22.51
N TRP A 98 0.72 -1.25 23.07
CA TRP A 98 1.95 -0.47 23.09
C TRP A 98 3.16 -1.22 22.54
N GLY A 99 3.08 -2.53 22.32
CA GLY A 99 4.24 -3.29 21.93
C GLY A 99 3.92 -4.30 20.83
N GLU A 100 4.97 -4.80 20.21
CA GLU A 100 4.87 -5.79 19.15
C GLU A 100 5.03 -7.18 19.72
N PHE A 101 4.20 -8.11 19.25
CA PHE A 101 4.24 -9.48 19.74
C PHE A 101 3.79 -10.43 18.64
N GLU A 102 4.08 -11.72 18.84
CA GLU A 102 3.73 -12.74 17.86
C GLU A 102 2.26 -13.13 17.99
N ILE A 103 1.59 -13.23 16.84
CA ILE A 103 0.20 -13.67 16.75
C ILE A 103 0.17 -14.98 15.98
N ILE A 104 -0.62 -15.94 16.46
CA ILE A 104 -0.80 -17.22 15.80
C ILE A 104 -2.15 -17.21 15.10
N ILE A 105 -2.14 -17.46 13.79
CA ILE A 105 -3.34 -17.45 12.96
C ILE A 105 -3.61 -18.88 12.54
N LYS A 106 -4.80 -19.39 12.86
CA LYS A 106 -5.20 -20.74 12.51
C LYS A 106 -6.49 -20.69 11.70
N ILE A 107 -6.46 -21.28 10.51
CA ILE A 107 -7.56 -21.21 9.56
C ILE A 107 -8.23 -22.58 9.52
N PHE A 108 -9.52 -22.62 9.86
CA PHE A 108 -10.31 -23.84 9.86
C PHE A 108 -11.21 -23.86 8.63
N PHE A 109 -11.47 -25.06 8.13
CA PHE A 109 -12.17 -25.24 6.87
C PHE A 109 -13.51 -25.93 7.09
N ILE A 110 -14.43 -25.71 6.13
CA ILE A 110 -15.76 -26.28 6.22
C ILE A 110 -15.73 -27.78 6.01
N ASP A 111 -14.92 -28.25 5.07
CA ASP A 111 -14.73 -29.68 4.87
C ASP A 111 -14.09 -30.28 6.12
N PRO A 112 -14.78 -31.17 6.84
CA PRO A 112 -14.23 -31.71 8.09
C PRO A 112 -12.95 -32.52 7.91
N ASN A 113 -12.63 -32.93 6.69
CA ASN A 113 -11.44 -33.72 6.42
C ASN A 113 -10.28 -32.88 5.90
N GLU A 114 -10.33 -31.56 6.09
CA GLU A 114 -9.25 -30.66 5.74
C GLU A 114 -8.55 -30.22 7.03
N ARG A 115 -7.24 -30.45 7.10
CA ARG A 115 -6.49 -30.06 8.28
C ARG A 115 -6.34 -28.54 8.31
N PRO A 116 -6.48 -27.91 9.47
CA PRO A 116 -6.33 -26.45 9.55
C PRO A 116 -4.91 -26.00 9.24
N VAL A 117 -4.80 -24.75 8.80
CA VAL A 117 -3.53 -24.12 8.45
C VAL A 117 -3.17 -23.13 9.54
N THR A 118 -1.93 -23.22 10.02
CA THR A 118 -1.43 -22.35 11.09
C THR A 118 -0.44 -21.36 10.50
N LEU A 119 -0.66 -20.07 10.75
CA LEU A 119 0.23 -19.00 10.31
C LEU A 119 0.76 -18.25 11.52
N TYR A 120 1.98 -17.76 11.40
CA TYR A 120 2.64 -16.99 12.45
C TYR A 120 2.95 -15.60 11.93
N HIS A 121 2.59 -14.58 12.71
CA HIS A 121 2.81 -13.20 12.30
C HIS A 121 3.32 -12.38 13.47
N LEU A 122 4.40 -11.64 13.24
CA LEU A 122 4.94 -10.70 14.21
C LEU A 122 4.27 -9.34 13.98
N LEU A 123 3.48 -8.89 14.95
CA LEU A 123 2.80 -7.61 14.82
C LEU A 123 3.82 -6.49 14.66
N LYS A 124 3.58 -5.60 13.70
CA LYS A 124 4.44 -4.45 13.48
C LYS A 124 3.68 -3.16 13.80
N LEU A 125 4.24 -2.35 14.67
CA LEU A 125 3.63 -1.10 15.10
C LEU A 125 4.43 0.14 14.75
N PHE A 126 5.75 0.09 14.91
CA PHE A 126 6.58 1.29 14.90
C PHE A 126 7.05 1.62 13.48
N GLN A 127 6.94 2.89 13.12
CA GLN A 127 7.29 3.35 11.79
C GLN A 127 8.79 3.65 11.70
N SER A 128 9.38 3.33 10.55
CA SER A 128 10.79 3.61 10.33
C SER A 128 11.02 5.10 10.16
N ASP A 129 12.29 5.52 10.32
CA ASP A 129 12.63 6.92 10.10
C ASP A 129 12.38 7.33 8.65
N THR A 130 12.65 6.42 7.70
CA THR A 130 12.47 6.73 6.30
C THR A 130 11.01 7.01 5.98
N ASN A 131 10.11 6.12 6.39
CA ASN A 131 8.69 6.31 6.10
C ASN A 131 8.11 7.47 6.90
N ALA A 132 8.69 7.79 8.06
CA ALA A 132 8.23 8.95 8.81
C ALA A 132 8.55 10.25 8.06
N MET A 133 9.76 10.35 7.51
CA MET A 133 10.13 11.55 6.75
C MET A 133 9.31 11.64 5.47
N LEU A 134 8.93 10.50 4.89
CA LEU A 134 8.05 10.52 3.72
C LEU A 134 6.61 10.87 4.08
N GLY A 135 6.25 10.88 5.36
CA GLY A 135 4.91 11.27 5.76
C GLY A 135 3.86 10.19 5.62
N LYS A 136 4.25 8.92 5.63
CA LYS A 136 3.28 7.85 5.51
C LYS A 136 2.41 7.77 6.76
N LYS A 137 1.11 7.65 6.56
CA LYS A 137 0.14 7.67 7.66
C LYS A 137 -0.05 6.31 8.31
N THR A 138 0.56 5.24 7.76
CA THR A 138 0.19 3.90 8.14
C THR A 138 1.39 2.96 8.04
N VAL A 139 1.54 2.10 9.04
CA VAL A 139 2.54 1.04 9.04
C VAL A 139 1.88 -0.25 8.59
N VAL A 140 2.50 -0.93 7.63
CA VAL A 140 1.96 -2.16 7.06
C VAL A 140 3.02 -3.24 7.09
N SER A 141 2.65 -4.43 7.55
CA SER A 141 3.50 -5.62 7.47
C SER A 141 2.62 -6.76 6.98
N GLU A 142 2.74 -7.11 5.71
CA GLU A 142 1.84 -8.06 5.06
C GLU A 142 2.67 -9.08 4.28
N PHE A 143 2.21 -10.34 4.28
CA PHE A 143 2.93 -11.44 3.66
C PHE A 143 1.97 -12.30 2.84
N TYR A 144 2.55 -13.03 1.89
CA TYR A 144 1.82 -13.89 0.98
C TYR A 144 1.95 -15.35 1.40
N ASP A 145 0.90 -16.12 1.14
CA ASP A 145 0.93 -17.56 1.38
C ASP A 145 -0.18 -18.19 0.52
N GLU A 146 -0.22 -19.52 0.53
CA GLU A 146 -1.17 -20.27 -0.27
C GLU A 146 -1.73 -21.43 0.54
N MET A 147 -3.04 -21.66 0.39
CA MET A 147 -3.71 -22.82 0.96
C MET A 147 -3.98 -23.80 -0.17
N ILE A 148 -3.45 -25.01 -0.05
CA ILE A 148 -3.49 -26.01 -1.11
C ILE A 148 -4.49 -27.10 -0.72
N PHE A 149 -5.43 -27.39 -1.61
CA PHE A 149 -6.41 -28.44 -1.38
C PHE A 149 -6.24 -29.57 -2.39
N GLY B 23 2.31 -33.24 -12.91
CA GLY B 23 2.28 -31.80 -13.09
C GLY B 23 1.75 -31.07 -11.87
N VAL B 24 2.37 -29.95 -11.54
CA VAL B 24 1.99 -29.16 -10.38
C VAL B 24 1.59 -27.77 -10.84
N THR B 25 0.62 -27.19 -10.13
CA THR B 25 0.18 -25.82 -10.42
C THR B 25 1.09 -24.83 -9.69
N ILE B 26 1.69 -23.91 -10.46
CA ILE B 26 2.60 -22.91 -9.92
C ILE B 26 1.94 -21.55 -10.07
N VAL B 27 1.85 -20.81 -8.96
CA VAL B 27 1.23 -19.49 -8.94
C VAL B 27 2.32 -18.47 -8.65
N LYS B 28 2.47 -17.50 -9.56
CA LYS B 28 3.39 -16.39 -9.37
C LYS B 28 2.57 -15.12 -9.14
N PRO B 29 2.38 -14.69 -7.89
CA PRO B 29 1.55 -13.50 -7.64
C PRO B 29 2.31 -12.23 -8.01
N ILE B 30 1.62 -11.33 -8.72
CA ILE B 30 2.20 -10.07 -9.15
C ILE B 30 1.27 -8.93 -8.79
N VAL B 31 1.85 -7.74 -8.71
CA VAL B 31 1.10 -6.49 -8.61
C VAL B 31 1.50 -5.61 -9.77
N TYR B 32 0.56 -4.79 -10.25
CA TYR B 32 0.83 -3.92 -11.37
C TYR B 32 -0.07 -2.69 -11.28
N GLY B 33 0.29 -1.67 -12.04
CA GLY B 33 -0.45 -0.43 -12.03
C GLY B 33 0.48 0.76 -12.12
N ASN B 34 0.17 1.84 -11.40
CA ASN B 34 1.01 3.04 -11.47
C ASN B 34 0.86 3.84 -10.18
N VAL B 35 1.91 4.61 -9.88
CA VAL B 35 1.84 5.65 -8.88
C VAL B 35 1.97 6.99 -9.58
N ALA B 36 1.49 8.04 -8.92
CA ALA B 36 1.50 9.37 -9.52
C ALA B 36 1.59 10.42 -8.43
N ARG B 37 2.17 11.57 -8.78
CA ARG B 37 2.31 12.69 -7.85
C ARG B 37 2.03 13.98 -8.58
N TYR B 38 1.20 14.83 -7.97
CA TYR B 38 0.85 16.11 -8.56
C TYR B 38 1.96 17.12 -8.33
N PHE B 39 2.34 17.84 -9.39
CA PHE B 39 3.40 18.84 -9.29
C PHE B 39 3.03 19.94 -8.30
N GLY B 40 1.75 20.29 -8.21
CA GLY B 40 1.29 21.45 -7.49
C GLY B 40 0.72 22.53 -8.39
N LYS B 41 1.12 22.53 -9.65
CA LYS B 41 0.62 23.46 -10.67
C LYS B 41 1.10 22.95 -12.02
N LYS B 42 0.73 23.67 -13.08
CA LYS B 42 1.18 23.32 -14.42
C LYS B 42 2.64 23.73 -14.61
N ARG B 43 3.39 22.88 -15.29
CA ARG B 43 4.76 23.21 -15.66
C ARG B 43 4.76 24.13 -16.88
N GLU B 44 5.63 25.14 -16.84
CA GLU B 44 5.59 26.18 -17.86
C GLU B 44 6.06 25.66 -19.22
N GLU B 45 7.05 24.76 -19.23
CA GLU B 45 7.69 24.39 -20.48
C GLU B 45 6.81 23.52 -21.35
N ASP B 46 5.96 22.67 -20.75
CA ASP B 46 5.19 21.71 -21.53
C ASP B 46 3.75 21.55 -21.06
N GLY B 47 3.34 22.18 -19.96
CA GLY B 47 2.00 22.01 -19.45
C GLY B 47 1.78 20.74 -18.66
N HIS B 48 2.82 19.95 -18.42
CA HIS B 48 2.66 18.71 -17.65
C HIS B 48 2.37 19.05 -16.19
N THR B 49 1.55 18.19 -15.57
CA THR B 49 1.10 18.42 -14.20
C THR B 49 1.46 17.30 -13.24
N HIS B 50 1.78 16.10 -13.72
CA HIS B 50 2.06 14.97 -12.86
C HIS B 50 3.31 14.24 -13.34
N GLN B 51 3.94 13.53 -12.41
CA GLN B 51 4.91 12.50 -12.73
C GLN B 51 4.34 11.15 -12.30
N TRP B 52 4.47 10.15 -13.17
CA TRP B 52 3.88 8.85 -12.89
C TRP B 52 4.87 7.74 -13.25
N THR B 53 4.69 6.59 -12.60
CA THR B 53 5.53 5.42 -12.82
C THR B 53 4.62 4.20 -12.93
N VAL B 54 4.50 3.67 -14.14
CA VAL B 54 3.78 2.42 -14.37
C VAL B 54 4.74 1.26 -14.12
N TYR B 55 4.24 0.17 -13.57
CA TYR B 55 5.14 -0.87 -13.10
C TYR B 55 4.44 -2.23 -13.12
N VAL B 56 5.27 -3.28 -13.10
CA VAL B 56 4.86 -4.64 -12.78
C VAL B 56 5.88 -5.18 -11.78
N LYS B 57 5.40 -5.68 -10.65
CA LYS B 57 6.27 -6.23 -9.62
C LYS B 57 5.76 -7.60 -9.20
N PRO B 58 6.66 -8.49 -8.78
CA PRO B 58 6.22 -9.65 -8.02
C PRO B 58 5.77 -9.22 -6.63
N TYR B 59 4.76 -9.89 -6.11
CA TYR B 59 4.33 -9.57 -4.76
C TYR B 59 5.41 -9.92 -3.74
N ARG B 60 5.94 -11.13 -3.83
CA ARG B 60 7.03 -11.56 -2.95
C ARG B 60 8.35 -10.96 -3.41
N ASN B 61 9.29 -10.87 -2.49
CA ASN B 61 10.63 -10.35 -2.79
C ASN B 61 11.41 -11.47 -3.50
N GLU B 62 11.08 -11.66 -4.78
CA GLU B 62 11.71 -12.68 -5.59
C GLU B 62 12.25 -12.05 -6.87
N ASP B 63 13.15 -12.78 -7.52
CA ASP B 63 13.71 -12.35 -8.80
C ASP B 63 12.78 -12.81 -9.91
N MET B 64 11.98 -11.88 -10.45
CA MET B 64 11.03 -12.23 -11.50
C MET B 64 11.71 -12.46 -12.84
N SER B 65 12.94 -11.96 -13.01
CA SER B 65 13.68 -12.21 -14.24
C SER B 65 14.14 -13.66 -14.39
N ALA B 66 13.92 -14.49 -13.37
CA ALA B 66 14.24 -15.90 -13.48
C ALA B 66 13.31 -16.62 -14.46
N TYR B 67 12.11 -16.09 -14.66
CA TYR B 67 11.16 -16.66 -15.61
C TYR B 67 10.56 -15.67 -16.59
N VAL B 68 10.68 -14.37 -16.34
CA VAL B 68 10.17 -13.35 -17.25
C VAL B 68 11.30 -12.90 -18.16
N LYS B 69 11.07 -12.97 -19.47
CA LYS B 69 12.08 -12.52 -20.44
C LYS B 69 12.03 -11.01 -20.61
N LYS B 70 10.83 -10.45 -20.80
CA LYS B 70 10.67 -9.01 -20.97
C LYS B 70 9.23 -8.64 -20.68
N ILE B 71 9.03 -7.36 -20.35
CA ILE B 71 7.71 -6.78 -20.16
C ILE B 71 7.67 -5.49 -20.97
N GLN B 72 6.66 -5.36 -21.83
CA GLN B 72 6.50 -4.18 -22.65
C GLN B 72 5.31 -3.36 -22.17
N PHE B 73 5.49 -2.05 -22.15
CA PHE B 73 4.46 -1.09 -21.74
C PHE B 73 4.14 -0.23 -22.96
N LYS B 74 2.93 -0.40 -23.50
CA LYS B 74 2.49 0.38 -24.65
C LYS B 74 1.83 1.66 -24.16
N LEU B 75 2.53 2.78 -24.31
CA LEU B 75 2.03 4.06 -23.88
C LEU B 75 1.16 4.69 -24.96
N HIS B 76 0.60 5.85 -24.67
CA HIS B 76 -0.14 6.61 -25.67
C HIS B 76 0.77 6.99 -26.82
N GLU B 77 0.20 7.07 -28.02
CA GLU B 77 0.99 7.27 -29.23
C GLU B 77 1.73 8.60 -29.24
N SER B 78 1.33 9.56 -28.41
CA SER B 78 2.00 10.86 -28.41
C SER B 78 3.36 10.81 -27.73
N TYR B 79 3.63 9.80 -26.92
CA TYR B 79 4.92 9.69 -26.25
C TYR B 79 5.99 9.17 -27.20
N GLY B 80 7.22 9.61 -26.97
CA GLY B 80 8.34 9.14 -27.77
C GLY B 80 8.62 7.67 -27.50
N ASN B 81 8.77 6.89 -28.57
CA ASN B 81 8.94 5.45 -28.51
C ASN B 81 7.84 4.83 -27.65
N PRO B 82 6.59 4.89 -28.09
CA PRO B 82 5.48 4.51 -27.20
C PRO B 82 5.51 3.04 -26.78
N LEU B 83 6.13 2.17 -27.56
CA LEU B 83 6.26 0.77 -27.18
C LEU B 83 7.54 0.62 -26.37
N ARG B 84 7.42 0.80 -25.07
CA ARG B 84 8.55 0.65 -24.17
C ARG B 84 8.78 -0.82 -23.84
N VAL B 85 10.05 -1.23 -23.82
CA VAL B 85 10.43 -2.61 -23.55
C VAL B 85 11.42 -2.61 -22.40
N VAL B 86 11.10 -3.34 -21.34
CA VAL B 86 11.96 -3.47 -20.17
C VAL B 86 12.38 -4.94 -20.07
N THR B 87 13.68 -5.19 -20.24
CA THR B 87 14.21 -6.55 -20.17
C THR B 87 14.91 -6.85 -18.85
N LYS B 88 15.26 -5.82 -18.08
CA LYS B 88 15.94 -6.00 -16.81
C LYS B 88 15.16 -5.37 -15.67
N PRO B 89 15.06 -6.05 -14.52
CA PRO B 89 14.35 -5.47 -13.39
C PRO B 89 15.06 -4.22 -12.89
N PRO B 90 14.33 -3.28 -12.27
CA PRO B 90 12.88 -3.32 -12.02
C PRO B 90 12.07 -2.97 -13.26
N TYR B 91 10.87 -3.55 -13.36
CA TYR B 91 10.00 -3.35 -14.52
C TYR B 91 9.11 -2.12 -14.28
N GLU B 92 9.74 -0.96 -14.37
CA GLU B 92 9.11 0.32 -14.08
C GLU B 92 9.44 1.32 -15.18
N ILE B 93 8.48 2.19 -15.51
CA ILE B 93 8.66 3.24 -16.50
C ILE B 93 8.11 4.53 -15.90
N THR B 94 8.95 5.56 -15.79
CA THR B 94 8.58 6.83 -15.19
C THR B 94 8.52 7.91 -16.27
N GLU B 95 7.39 8.62 -16.33
CA GLU B 95 7.19 9.69 -17.28
C GLU B 95 6.40 10.82 -16.59
N THR B 96 6.09 11.85 -17.37
CA THR B 96 5.27 12.97 -16.92
C THR B 96 4.15 13.22 -17.92
N GLY B 97 3.17 14.01 -17.50
CA GLY B 97 2.05 14.32 -18.36
C GLY B 97 0.98 15.09 -17.61
N TRP B 98 -0.18 15.22 -18.25
CA TRP B 98 -1.30 15.94 -17.68
C TRP B 98 -2.61 15.17 -17.70
N GLY B 99 -2.68 14.01 -18.38
CA GLY B 99 -3.95 13.32 -18.54
C GLY B 99 -3.78 11.82 -18.39
N GLU B 100 -4.92 11.14 -18.35
CA GLU B 100 -4.99 9.70 -18.13
C GLU B 100 -5.30 8.98 -19.43
N PHE B 101 -4.63 7.85 -19.64
CA PHE B 101 -4.81 7.06 -20.85
C PHE B 101 -4.55 5.60 -20.53
N GLU B 102 -5.02 4.72 -21.41
CA GLU B 102 -4.85 3.29 -21.22
C GLU B 102 -3.44 2.86 -21.62
N ILE B 103 -2.86 1.97 -20.82
CA ILE B 103 -1.56 1.36 -21.10
C ILE B 103 -1.74 -0.13 -21.19
N ILE B 104 -1.20 -0.74 -22.23
CA ILE B 104 -1.23 -2.19 -22.42
C ILE B 104 0.09 -2.77 -21.92
N ILE B 105 0.00 -3.73 -21.01
CA ILE B 105 1.17 -4.38 -20.42
C ILE B 105 1.16 -5.83 -20.87
N LYS B 106 2.28 -6.29 -21.44
CA LYS B 106 2.40 -7.66 -21.92
C LYS B 106 3.68 -8.27 -21.35
N ILE B 107 3.53 -9.38 -20.63
CA ILE B 107 4.64 -10.03 -19.94
C ILE B 107 5.05 -11.25 -20.75
N PHE B 108 6.28 -11.24 -21.25
CA PHE B 108 6.82 -12.36 -22.03
C PHE B 108 7.71 -13.21 -21.14
N PHE B 109 7.65 -14.52 -21.33
CA PHE B 109 8.32 -15.48 -20.46
C PHE B 109 9.50 -16.13 -21.18
N ILE B 110 10.47 -16.58 -20.39
CA ILE B 110 11.67 -17.21 -20.94
C ILE B 110 11.32 -18.54 -21.58
N ASP B 111 10.52 -19.36 -20.91
CA ASP B 111 10.13 -20.66 -21.44
C ASP B 111 9.26 -20.46 -22.68
N PRO B 112 9.59 -21.08 -23.81
CA PRO B 112 8.82 -20.85 -25.03
C PRO B 112 7.43 -21.45 -25.01
N ASN B 113 7.16 -22.38 -24.09
CA ASN B 113 5.84 -23.00 -23.99
C ASN B 113 4.86 -22.21 -23.15
N GLU B 114 5.33 -21.18 -22.45
CA GLU B 114 4.48 -20.38 -21.56
C GLU B 114 4.03 -19.12 -22.32
N ARG B 115 2.74 -19.05 -22.63
CA ARG B 115 2.21 -17.95 -23.41
C ARG B 115 2.24 -16.66 -22.59
N PRO B 116 2.40 -15.51 -23.25
CA PRO B 116 2.50 -14.24 -22.51
C PRO B 116 1.17 -13.83 -21.89
N VAL B 117 1.28 -12.97 -20.89
CA VAL B 117 0.13 -12.42 -20.18
C VAL B 117 -0.06 -10.98 -20.61
N THR B 118 -1.28 -10.62 -21.00
CA THR B 118 -1.62 -9.27 -21.43
C THR B 118 -2.48 -8.62 -20.37
N LEU B 119 -2.06 -7.45 -19.90
CA LEU B 119 -2.78 -6.69 -18.89
C LEU B 119 -3.14 -5.32 -19.44
N TYR B 120 -4.24 -4.76 -18.93
CA TYR B 120 -4.72 -3.45 -19.32
C TYR B 120 -4.86 -2.57 -18.09
N HIS B 121 -4.26 -1.39 -18.13
CA HIS B 121 -4.25 -0.50 -16.98
C HIS B 121 -4.55 0.93 -17.43
N LEU B 122 -5.57 1.54 -16.83
CA LEU B 122 -5.85 2.96 -17.04
C LEU B 122 -4.94 3.76 -16.11
N LEU B 123 -4.01 4.51 -16.70
CA LEU B 123 -3.10 5.35 -15.91
C LEU B 123 -3.90 6.33 -15.07
N LYS B 124 -3.68 6.32 -13.76
CA LYS B 124 -4.42 7.17 -12.83
C LYS B 124 -3.50 8.28 -12.33
N LEU B 125 -3.89 9.53 -12.58
CA LEU B 125 -3.17 10.70 -12.12
C LEU B 125 -3.88 11.42 -10.99
N PHE B 126 -5.20 11.55 -11.06
CA PHE B 126 -5.95 12.45 -10.19
C PHE B 126 -6.41 11.71 -8.93
N GLN B 127 -6.09 12.28 -7.79
CA GLN B 127 -6.42 11.66 -6.51
C GLN B 127 -7.92 11.70 -6.26
N SER B 128 -8.45 10.59 -5.74
CA SER B 128 -9.86 10.55 -5.38
C SER B 128 -10.14 11.49 -4.21
N ASP B 129 -11.40 11.91 -4.09
CA ASP B 129 -11.79 12.77 -2.99
C ASP B 129 -11.59 12.08 -1.65
N THR B 130 -11.81 10.76 -1.60
CA THR B 130 -11.67 10.03 -0.34
C THR B 130 -10.22 10.06 0.14
N ASN B 131 -9.26 9.86 -0.77
CA ASN B 131 -7.87 9.83 -0.37
C ASN B 131 -7.30 11.23 -0.17
N ALA B 132 -7.87 12.24 -0.84
CA ALA B 132 -7.43 13.61 -0.60
C ALA B 132 -7.79 14.05 0.81
N MET B 133 -9.00 13.73 1.27
CA MET B 133 -9.40 14.06 2.63
C MET B 133 -8.59 13.26 3.65
N LEU B 134 -8.21 12.03 3.29
CA LEU B 134 -7.35 11.24 4.17
C LEU B 134 -5.91 11.71 4.16
N GLY B 135 -5.56 12.70 3.35
CA GLY B 135 -4.24 13.28 3.34
C GLY B 135 -3.16 12.43 2.70
N LYS B 136 -3.50 11.40 1.95
CA LYS B 136 -2.50 10.58 1.27
C LYS B 136 -1.72 11.43 0.28
N LYS B 137 -0.39 11.28 0.30
CA LYS B 137 0.49 12.14 -0.48
C LYS B 137 0.76 11.61 -1.88
N THR B 138 0.42 10.36 -2.17
CA THR B 138 0.74 9.75 -3.46
C THR B 138 -0.48 9.00 -4.00
N VAL B 139 -0.78 9.24 -5.27
CA VAL B 139 -1.79 8.44 -5.95
C VAL B 139 -1.23 7.06 -6.24
N VAL B 140 -1.95 6.03 -5.81
CA VAL B 140 -1.56 4.63 -6.02
C VAL B 140 -2.73 3.90 -6.66
N SER B 141 -2.51 3.34 -7.84
CA SER B 141 -3.52 2.56 -8.56
C SER B 141 -2.91 1.20 -8.86
N GLU B 142 -3.06 0.27 -7.93
CA GLU B 142 -2.41 -1.04 -7.98
C GLU B 142 -3.45 -2.15 -8.06
N PHE B 143 -3.20 -3.12 -8.93
CA PHE B 143 -4.08 -4.27 -9.11
C PHE B 143 -3.26 -5.55 -8.99
N TYR B 144 -3.96 -6.67 -8.84
CA TYR B 144 -3.33 -7.95 -8.57
C TYR B 144 -3.60 -8.94 -9.69
N ASP B 145 -2.69 -9.90 -9.85
CA ASP B 145 -2.86 -10.94 -10.84
C ASP B 145 -2.08 -12.17 -10.39
N GLU B 146 -2.59 -13.35 -10.76
CA GLU B 146 -1.99 -14.62 -10.40
C GLU B 146 -1.55 -15.29 -11.70
N MET B 147 -0.26 -15.21 -12.01
CA MET B 147 0.29 -15.87 -13.20
C MET B 147 0.39 -17.36 -12.91
N ILE B 148 -0.45 -18.16 -13.56
CA ILE B 148 -0.59 -19.58 -13.26
C ILE B 148 0.23 -20.39 -14.26
N PHE B 149 1.01 -21.33 -13.75
CA PHE B 149 1.85 -22.19 -14.57
C PHE B 149 1.57 -23.65 -14.22
N GLN B 150 1.87 -24.53 -15.17
CA GLN B 150 1.76 -25.97 -14.99
C GLN B 150 3.13 -26.58 -15.27
N ASP B 151 3.82 -27.00 -14.21
CA ASP B 151 5.18 -27.54 -14.34
C ASP B 151 5.19 -29.04 -14.10
N PRO B 152 5.95 -29.79 -14.89
CA PRO B 152 6.06 -31.23 -14.64
C PRO B 152 6.84 -31.52 -13.37
N THR B 153 6.48 -32.62 -12.72
CA THR B 153 7.11 -33.00 -11.46
C THR B 153 8.07 -34.17 -11.66
N THR C 25 21.24 -21.16 -6.21
CA THR C 25 21.19 -19.85 -6.82
C THR C 25 19.90 -19.12 -6.43
N ILE C 26 19.99 -18.26 -5.42
CA ILE C 26 18.86 -17.48 -4.93
C ILE C 26 19.21 -16.01 -5.05
N VAL C 27 18.34 -15.25 -5.71
CA VAL C 27 18.51 -13.82 -5.91
C VAL C 27 17.52 -13.07 -5.02
N LYS C 28 18.01 -12.13 -4.23
CA LYS C 28 17.18 -11.33 -3.33
C LYS C 28 17.22 -9.87 -3.75
N PRO C 29 16.17 -9.35 -4.37
CA PRO C 29 16.17 -7.95 -4.79
C PRO C 29 16.11 -7.01 -3.59
N ILE C 30 16.85 -5.91 -3.69
CA ILE C 30 16.88 -4.88 -2.65
C ILE C 30 16.83 -3.52 -3.32
N VAL C 31 16.53 -2.50 -2.52
CA VAL C 31 16.69 -1.10 -2.92
C VAL C 31 17.43 -0.39 -1.79
N TYR C 32 18.28 0.56 -2.17
CA TYR C 32 19.06 1.31 -1.20
C TYR C 32 19.12 2.77 -1.65
N GLY C 33 19.38 3.64 -0.69
CA GLY C 33 19.48 5.06 -1.00
C GLY C 33 19.24 5.89 0.26
N ASN C 34 18.65 7.06 0.05
CA ASN C 34 18.42 7.97 1.16
C ASN C 34 17.24 8.87 0.85
N VAL C 35 16.61 9.37 1.92
CA VAL C 35 15.67 10.47 1.87
C VAL C 35 16.27 11.62 2.66
N ALA C 36 15.84 12.84 2.34
CA ALA C 36 16.37 14.02 3.00
C ALA C 36 15.34 15.13 3.01
N ARG C 37 15.43 15.98 4.02
CA ARG C 37 14.51 17.11 4.19
C ARG C 37 15.29 18.35 4.57
N TYR C 38 15.06 19.43 3.84
CA TYR C 38 15.71 20.70 4.11
C TYR C 38 15.07 21.37 5.33
N PHE C 39 15.92 21.91 6.21
CA PHE C 39 15.43 22.54 7.43
C PHE C 39 14.53 23.74 7.14
N GLY C 40 14.74 24.39 5.99
CA GLY C 40 14.17 25.68 5.71
C GLY C 40 15.17 26.81 5.83
N LYS C 41 16.16 26.65 6.70
CA LYS C 41 17.28 27.58 6.82
C LYS C 41 18.41 26.86 7.53
N LYS C 42 19.55 27.54 7.60
CA LYS C 42 20.72 26.96 8.26
C LYS C 42 20.55 26.98 9.77
N ARG C 43 20.93 25.89 10.43
CA ARG C 43 20.91 25.82 11.88
C ARG C 43 22.14 26.53 12.44
N GLU C 44 21.93 27.38 13.44
CA GLU C 44 22.99 28.26 13.90
C GLU C 44 24.10 27.49 14.62
N GLU C 45 23.75 26.43 15.35
CA GLU C 45 24.73 25.76 16.21
C GLU C 45 25.84 25.11 15.40
N ASP C 46 25.48 24.34 14.37
CA ASP C 46 26.46 23.59 13.61
C ASP C 46 26.43 23.86 12.11
N GLY C 47 25.59 24.76 11.63
CA GLY C 47 25.52 25.03 10.21
C GLY C 47 24.83 23.97 9.38
N HIS C 48 24.22 22.98 10.01
CA HIS C 48 23.53 21.93 9.25
C HIS C 48 22.25 22.48 8.62
N THR C 49 21.92 21.95 7.45
CA THR C 49 20.76 22.40 6.70
C THR C 49 19.75 21.30 6.37
N HIS C 50 20.13 20.03 6.47
CA HIS C 50 19.26 18.94 6.09
C HIS C 50 19.33 17.82 7.12
N GLN C 51 18.22 17.11 7.26
CA GLN C 51 18.17 15.83 7.95
C GLN C 51 17.96 14.74 6.90
N TRP C 52 18.73 13.67 7.00
CA TRP C 52 18.67 12.60 6.00
C TRP C 52 18.70 11.24 6.67
N THR C 53 18.20 10.24 5.95
CA THR C 53 18.16 8.86 6.41
C THR C 53 18.59 7.97 5.26
N VAL C 54 19.75 7.31 5.41
CA VAL C 54 20.22 6.34 4.43
C VAL C 54 19.75 4.96 4.88
N TYR C 55 19.36 4.13 3.91
CA TYR C 55 18.65 2.90 4.26
C TYR C 55 18.94 1.80 3.23
N VAL C 56 18.67 0.57 3.66
CA VAL C 56 18.63 -0.60 2.78
C VAL C 56 17.40 -1.41 3.17
N LYS C 57 16.60 -1.78 2.18
CA LYS C 57 15.37 -2.53 2.43
C LYS C 57 15.12 -3.45 1.24
N PRO C 58 14.34 -4.52 1.43
CA PRO C 58 14.02 -5.39 0.29
C PRO C 58 13.06 -4.69 -0.67
N TYR C 59 13.15 -5.10 -1.94
CA TYR C 59 12.28 -4.52 -2.97
C TYR C 59 10.81 -4.76 -2.63
N ARG C 60 10.49 -5.96 -2.14
CA ARG C 60 9.16 -6.28 -1.64
C ARG C 60 9.27 -6.72 -0.19
N ASN C 61 8.17 -6.58 0.54
CA ASN C 61 8.19 -6.82 1.99
C ASN C 61 8.56 -8.26 2.29
N GLU C 62 9.61 -8.43 3.10
CA GLU C 62 10.02 -9.72 3.62
C GLU C 62 10.91 -9.48 4.82
N ASP C 63 11.06 -10.51 5.65
CA ASP C 63 11.92 -10.43 6.83
C ASP C 63 13.35 -10.63 6.37
N MET C 64 14.05 -9.52 6.12
CA MET C 64 15.41 -9.60 5.65
C MET C 64 16.38 -10.05 6.74
N SER C 65 16.00 -9.91 8.00
CA SER C 65 16.85 -10.38 9.10
C SER C 65 16.95 -11.90 9.15
N ALA C 66 16.19 -12.62 8.33
CA ALA C 66 16.33 -14.07 8.25
C ALA C 66 17.63 -14.48 7.60
N TYR C 67 18.26 -13.59 6.82
CA TYR C 67 19.54 -13.89 6.18
C TYR C 67 20.55 -12.78 6.26
N VAL C 68 20.20 -11.59 6.77
CA VAL C 68 21.15 -10.50 6.96
C VAL C 68 21.51 -10.40 8.42
N LYS C 69 22.81 -10.47 8.73
CA LYS C 69 23.27 -10.36 10.10
C LYS C 69 23.26 -8.91 10.56
N LYS C 70 23.84 -8.01 9.78
CA LYS C 70 23.94 -6.60 10.11
C LYS C 70 24.35 -5.85 8.85
N ILE C 71 24.16 -4.54 8.88
CA ILE C 71 24.52 -3.66 7.77
C ILE C 71 25.31 -2.49 8.33
N GLN C 72 26.49 -2.25 7.78
CA GLN C 72 27.32 -1.11 8.16
C GLN C 72 27.10 0.04 7.18
N PHE C 73 27.08 1.25 7.72
CA PHE C 73 26.95 2.48 6.93
C PHE C 73 28.16 3.35 7.25
N LYS C 74 29.15 3.34 6.35
CA LYS C 74 30.38 4.10 6.55
C LYS C 74 30.16 5.52 6.07
N LEU C 75 30.04 6.44 7.02
CA LEU C 75 29.85 7.86 6.71
C LEU C 75 31.19 8.52 6.47
N HIS C 76 31.15 9.81 6.14
CA HIS C 76 32.38 10.59 6.01
C HIS C 76 33.09 10.66 7.36
N GLU C 77 34.43 10.74 7.31
CA GLU C 77 35.22 10.75 8.53
CA GLU C 77 35.23 10.75 8.53
C GLU C 77 34.87 11.91 9.45
N SER C 78 34.19 12.94 8.95
CA SER C 78 33.82 14.07 9.80
C SER C 78 32.84 13.64 10.89
N TYR C 79 31.99 12.65 10.62
CA TYR C 79 30.99 12.24 11.60
C TYR C 79 31.62 11.44 12.74
N GLY C 80 31.05 11.59 13.92
CA GLY C 80 31.47 10.76 15.04
C GLY C 80 31.07 9.31 14.83
N ASN C 81 31.99 8.41 15.14
CA ASN C 81 31.84 6.99 14.86
CA ASN C 81 31.85 6.99 14.85
C ASN C 81 31.36 6.80 13.42
N PRO C 82 32.18 7.18 12.42
CA PRO C 82 31.70 7.17 11.03
C PRO C 82 31.25 5.82 10.53
N LEU C 83 31.75 4.73 11.11
CA LEU C 83 31.34 3.38 10.69
C LEU C 83 30.16 2.95 11.58
N ARG C 84 28.98 3.38 11.18
CA ARG C 84 27.76 3.01 11.88
C ARG C 84 27.36 1.58 11.52
N VAL C 85 26.52 0.99 12.37
CA VAL C 85 26.07 -0.38 12.16
C VAL C 85 24.64 -0.50 12.67
N VAL C 86 23.83 -1.29 11.95
CA VAL C 86 22.46 -1.60 12.34
C VAL C 86 22.33 -3.12 12.35
N THR C 87 21.92 -3.68 13.49
CA THR C 87 21.90 -5.13 13.66
C THR C 87 20.50 -5.72 13.55
N LYS C 88 19.48 -4.91 13.27
CA LYS C 88 18.12 -5.42 13.15
C LYS C 88 17.31 -4.44 12.31
N PRO C 89 16.26 -4.91 11.63
CA PRO C 89 15.48 -4.00 10.79
C PRO C 89 14.76 -2.97 11.65
N PRO C 90 14.53 -1.75 11.12
CA PRO C 90 14.90 -1.36 9.76
C PRO C 90 16.36 -0.92 9.66
N TYR C 91 17.01 -1.27 8.56
CA TYR C 91 18.42 -0.96 8.36
C TYR C 91 18.51 0.47 7.82
N GLU C 92 18.61 1.43 8.72
CA GLU C 92 18.62 2.83 8.36
C GLU C 92 19.42 3.62 9.39
N ILE C 93 20.05 4.69 8.92
CA ILE C 93 20.79 5.62 9.78
C ILE C 93 20.30 7.02 9.49
N THR C 94 19.88 7.73 10.53
CA THR C 94 19.38 9.10 10.41
C THR C 94 20.41 10.07 10.96
N GLU C 95 20.72 11.11 10.18
CA GLU C 95 21.69 12.11 10.58
C GLU C 95 21.30 13.46 10.00
N THR C 96 22.07 14.49 10.36
CA THR C 96 21.95 15.81 9.79
C THR C 96 23.30 16.24 9.23
N GLY C 97 23.28 17.26 8.39
CA GLY C 97 24.52 17.73 7.80
C GLY C 97 24.27 18.90 6.87
N TRP C 98 25.29 19.23 6.10
CA TRP C 98 25.27 20.40 5.22
C TRP C 98 25.65 20.10 3.78
N GLY C 99 26.06 18.87 3.46
CA GLY C 99 26.50 18.60 2.10
C GLY C 99 26.35 17.14 1.73
N GLU C 100 26.66 16.86 0.47
CA GLU C 100 26.52 15.53 -0.11
C GLU C 100 27.88 14.83 -0.14
N PHE C 101 27.89 13.56 0.26
CA PHE C 101 29.11 12.77 0.29
C PHE C 101 28.77 11.31 0.03
N GLU C 102 29.80 10.51 -0.24
CA GLU C 102 29.62 9.11 -0.55
C GLU C 102 29.56 8.28 0.72
N ILE C 103 28.58 7.38 0.79
CA ILE C 103 28.41 6.45 1.90
C ILE C 103 28.69 5.05 1.40
N ILE C 104 29.45 4.28 2.17
CA ILE C 104 29.76 2.89 1.86
C ILE C 104 28.84 2.00 2.70
N ILE C 105 28.07 1.16 2.02
CA ILE C 105 27.12 0.26 2.68
C ILE C 105 27.66 -1.16 2.56
N LYS C 106 27.83 -1.83 3.68
CA LYS C 106 28.34 -3.20 3.72
C LYS C 106 27.31 -4.09 4.41
N ILE C 107 26.84 -5.10 3.69
CA ILE C 107 25.78 -5.97 4.18
C ILE C 107 26.40 -7.30 4.59
N PHE C 108 26.20 -7.66 5.86
CA PHE C 108 26.70 -8.92 6.39
C PHE C 108 25.54 -9.91 6.53
N PHE C 109 25.84 -11.19 6.32
CA PHE C 109 24.82 -12.23 6.25
C PHE C 109 24.99 -13.22 7.39
N ILE C 110 23.86 -13.83 7.77
CA ILE C 110 23.85 -14.83 8.85
C ILE C 110 24.72 -16.01 8.47
N ASP C 111 24.59 -16.50 7.24
CA ASP C 111 25.42 -17.58 6.72
C ASP C 111 26.89 -17.14 6.78
N PRO C 112 27.70 -17.79 7.61
CA PRO C 112 29.10 -17.35 7.77
C PRO C 112 29.95 -17.54 6.52
N ASN C 113 29.50 -18.33 5.56
CA ASN C 113 30.25 -18.56 4.33
C ASN C 113 29.81 -17.67 3.18
N GLU C 114 28.85 -16.78 3.40
CA GLU C 114 28.39 -15.85 2.38
C GLU C 114 29.20 -14.56 2.49
N ARG C 115 29.90 -14.21 1.42
CA ARG C 115 30.74 -13.02 1.44
C ARG C 115 29.89 -11.77 1.56
N PRO C 116 30.34 -10.76 2.30
CA PRO C 116 29.55 -9.53 2.43
C PRO C 116 29.42 -8.79 1.10
N VAL C 117 28.36 -8.00 1.01
CA VAL C 117 28.05 -7.21 -0.17
C VAL C 117 28.31 -5.75 0.14
N THR C 118 29.09 -5.09 -0.70
CA THR C 118 29.45 -3.68 -0.53
C THR C 118 28.77 -2.84 -1.60
N LEU C 119 28.06 -1.80 -1.16
CA LEU C 119 27.38 -0.88 -2.05
C LEU C 119 27.91 0.53 -1.81
N TYR C 120 27.76 1.38 -2.83
CA TYR C 120 28.19 2.77 -2.77
C TYR C 120 27.02 3.66 -3.13
N HIS C 121 26.73 4.64 -2.27
CA HIS C 121 25.61 5.55 -2.48
C HIS C 121 26.07 6.98 -2.28
N LEU C 122 25.77 7.84 -3.24
CA LEU C 122 25.99 9.28 -3.10
C LEU C 122 24.78 9.88 -2.41
N LEU C 123 24.99 10.41 -1.21
CA LEU C 123 23.91 11.05 -0.47
C LEU C 123 23.37 12.23 -1.27
N LYS C 124 22.04 12.28 -1.42
CA LYS C 124 21.38 13.38 -2.13
C LYS C 124 20.66 14.26 -1.12
N LEU C 125 21.02 15.54 -1.08
CA LEU C 125 20.36 16.51 -0.23
C LEU C 125 19.58 17.56 -1.00
N PHE C 126 20.12 18.05 -2.11
CA PHE C 126 19.56 19.18 -2.84
C PHE C 126 18.72 18.70 -4.01
N GLN C 127 17.55 19.30 -4.18
CA GLN C 127 16.69 18.95 -5.30
C GLN C 127 17.35 19.35 -6.61
N SER C 128 17.15 18.52 -7.64
CA SER C 128 17.68 18.83 -8.95
C SER C 128 16.91 20.00 -9.56
N ASP C 129 17.31 20.40 -10.77
CA ASP C 129 16.60 21.46 -11.46
C ASP C 129 15.17 21.04 -11.81
N THR C 130 14.93 19.74 -11.94
CA THR C 130 13.60 19.23 -12.22
C THR C 130 12.67 19.41 -11.04
N ASN C 131 12.76 18.52 -10.05
CA ASN C 131 11.89 18.59 -8.87
C ASN C 131 12.32 19.73 -7.94
N ALA C 132 12.37 20.96 -8.47
CA ALA C 132 12.71 22.11 -7.64
C ALA C 132 11.52 22.60 -6.83
N MET C 133 10.40 22.86 -7.50
CA MET C 133 9.15 23.23 -6.84
C MET C 133 8.03 22.23 -7.15
N LEU C 134 8.38 21.01 -7.56
CA LEU C 134 7.40 19.99 -7.96
C LEU C 134 6.78 19.27 -6.76
N GLY C 135 6.37 20.01 -5.73
CA GLY C 135 5.73 19.45 -4.54
C GLY C 135 6.56 18.47 -3.73
N LYS C 136 7.77 18.13 -4.16
CA LYS C 136 8.61 17.19 -3.42
C LYS C 136 9.22 17.89 -2.21
N LYS C 137 8.58 17.73 -1.06
CA LYS C 137 9.15 18.29 0.17
C LYS C 137 10.31 17.45 0.68
N THR C 138 10.31 16.16 0.37
CA THR C 138 11.38 15.25 0.74
C THR C 138 12.01 14.69 -0.52
N VAL C 139 13.32 14.88 -0.65
CA VAL C 139 14.04 14.34 -1.81
C VAL C 139 14.32 12.86 -1.58
N VAL C 140 14.33 12.11 -2.68
CA VAL C 140 14.56 10.67 -2.64
C VAL C 140 15.59 10.31 -3.71
N SER C 141 16.61 9.55 -3.32
CA SER C 141 17.59 8.99 -4.26
C SER C 141 17.74 7.52 -3.91
N GLU C 142 17.10 6.65 -4.69
CA GLU C 142 16.97 5.24 -4.39
C GLU C 142 17.32 4.42 -5.61
N PHE C 143 17.98 3.27 -5.39
CA PHE C 143 18.49 2.46 -6.48
C PHE C 143 18.18 0.99 -6.24
N TYR C 144 17.94 0.26 -7.33
CA TYR C 144 17.65 -1.16 -7.28
C TYR C 144 18.93 -1.96 -7.42
N ASP C 145 19.00 -3.09 -6.72
CA ASP C 145 20.13 -4.00 -6.81
C ASP C 145 19.66 -5.39 -6.40
N GLU C 146 20.55 -6.37 -6.53
CA GLU C 146 20.22 -7.76 -6.26
C GLU C 146 21.37 -8.44 -5.53
N MET C 147 21.04 -9.14 -4.44
CA MET C 147 22.00 -9.97 -3.72
C MET C 147 21.84 -11.41 -4.16
N ILE C 148 22.93 -12.02 -4.60
CA ILE C 148 22.92 -13.36 -5.18
C ILE C 148 23.58 -14.32 -4.19
N PHE C 149 22.94 -15.46 -3.95
CA PHE C 149 23.38 -16.42 -2.96
C PHE C 149 23.68 -17.76 -3.63
N GLN C 150 24.81 -18.35 -3.26
CA GLN C 150 25.23 -19.70 -3.67
C GLN C 150 24.91 -20.04 -5.12
N THR D 25 -23.21 -17.88 -10.20
CA THR D 25 -23.33 -16.75 -9.29
C THR D 25 -22.05 -16.54 -8.49
N ILE D 26 -21.49 -15.34 -8.59
CA ILE D 26 -20.23 -15.01 -7.94
C ILE D 26 -20.49 -14.02 -6.82
N VAL D 27 -19.65 -14.11 -5.78
CA VAL D 27 -19.74 -13.24 -4.61
C VAL D 27 -18.55 -12.29 -4.64
N LYS D 28 -18.83 -11.00 -4.75
CA LYS D 28 -17.79 -9.99 -4.78
C LYS D 28 -17.80 -9.17 -3.49
N PRO D 29 -16.81 -9.33 -2.62
CA PRO D 29 -16.78 -8.54 -1.38
C PRO D 29 -16.49 -7.08 -1.68
N ILE D 30 -17.11 -6.19 -0.90
CA ILE D 30 -16.96 -4.75 -1.06
C ILE D 30 -16.81 -4.11 0.32
N VAL D 31 -16.41 -2.84 0.30
CA VAL D 31 -16.40 -2.00 1.49
C VAL D 31 -17.07 -0.68 1.13
N TYR D 32 -18.03 -0.25 1.95
CA TYR D 32 -18.71 1.02 1.75
C TYR D 32 -18.66 1.82 3.04
N GLY D 33 -18.75 3.14 2.89
CA GLY D 33 -18.69 4.01 4.06
C GLY D 33 -18.49 5.46 3.66
N ASN D 34 -17.90 6.22 4.59
CA ASN D 34 -17.67 7.63 4.33
C ASN D 34 -16.49 8.13 5.17
N VAL D 35 -15.84 9.16 4.65
CA VAL D 35 -14.89 9.94 5.42
C VAL D 35 -15.47 11.34 5.56
N ALA D 36 -15.10 12.03 6.64
CA ALA D 36 -15.65 13.35 6.91
C ALA D 36 -14.59 14.20 7.60
N ARG D 37 -14.66 15.51 7.36
CA ARG D 37 -13.71 16.45 7.93
C ARG D 37 -14.43 17.72 8.37
N TYR D 38 -14.17 18.15 9.60
CA TYR D 38 -14.76 19.38 10.11
C TYR D 38 -14.10 20.60 9.48
N PHE D 39 -14.92 21.59 9.13
CA PHE D 39 -14.40 22.81 8.52
C PHE D 39 -13.44 23.54 9.46
N GLY D 40 -13.64 23.42 10.76
CA GLY D 40 -13.01 24.27 11.74
C GLY D 40 -13.88 25.41 12.21
N LYS D 41 -14.89 25.77 11.43
CA LYS D 41 -15.84 26.80 11.80
C LYS D 41 -17.09 26.64 10.94
N LYS D 42 -18.25 26.95 11.51
CA LYS D 42 -19.49 26.89 10.76
C LYS D 42 -19.45 27.88 9.61
N ARG D 43 -19.78 27.42 8.41
CA ARG D 43 -19.83 28.31 7.26
C ARG D 43 -21.05 29.22 7.37
N GLU D 44 -20.81 30.53 7.30
CA GLU D 44 -21.89 31.49 7.56
C GLU D 44 -22.95 31.47 6.47
N GLU D 45 -22.58 31.11 5.24
CA GLU D 45 -23.52 31.19 4.12
C GLU D 45 -24.67 30.22 4.28
N ASP D 46 -24.38 28.97 4.69
CA ASP D 46 -25.40 27.94 4.75
C ASP D 46 -25.41 27.14 6.05
N GLY D 47 -24.55 27.47 7.00
CA GLY D 47 -24.48 26.74 8.25
C GLY D 47 -23.82 25.38 8.16
N HIS D 48 -23.21 25.04 7.03
CA HIS D 48 -22.53 23.76 6.91
C HIS D 48 -21.24 23.75 7.72
N THR D 49 -20.93 22.60 8.31
CA THR D 49 -19.76 22.46 9.18
C THR D 49 -18.78 21.39 8.73
N HIS D 50 -19.20 20.43 7.91
CA HIS D 50 -18.35 19.31 7.52
C HIS D 50 -18.41 19.07 6.02
N GLN D 51 -17.31 18.56 5.49
CA GLN D 51 -17.27 18.00 4.15
C GLN D 51 -17.08 16.49 4.26
N TRP D 52 -17.85 15.74 3.49
CA TRP D 52 -17.81 14.29 3.57
C TRP D 52 -17.84 13.67 2.18
N THR D 53 -17.41 12.41 2.11
CA THR D 53 -17.36 11.66 0.86
C THR D 53 -17.79 10.23 1.14
N VAL D 54 -18.92 9.83 0.56
CA VAL D 54 -19.42 8.46 0.68
C VAL D 54 -18.93 7.67 -0.52
N TYR D 55 -18.60 6.40 -0.31
CA TYR D 55 -17.93 5.62 -1.35
C TYR D 55 -18.30 4.15 -1.26
N VAL D 56 -18.04 3.45 -2.36
CA VAL D 56 -18.06 1.98 -2.42
C VAL D 56 -16.80 1.54 -3.15
N LYS D 57 -16.10 0.56 -2.60
CA LYS D 57 -14.88 0.05 -3.20
C LYS D 57 -14.80 -1.46 -2.97
N PRO D 58 -14.11 -2.19 -3.84
CA PRO D 58 -13.93 -3.63 -3.61
C PRO D 58 -13.01 -3.89 -2.43
N TYR D 59 -13.26 -5.02 -1.76
CA TYR D 59 -12.45 -5.37 -0.60
C TYR D 59 -10.98 -5.54 -0.97
N ARG D 60 -10.72 -6.28 -2.04
CA ARG D 60 -9.42 -6.31 -2.69
C ARG D 60 -9.54 -5.54 -4.01
N ASN D 61 -8.53 -4.73 -4.31
CA ASN D 61 -8.63 -3.85 -5.48
CA ASN D 61 -8.59 -3.86 -5.50
C ASN D 61 -8.83 -4.68 -6.75
N GLU D 62 -9.75 -4.20 -7.59
CA GLU D 62 -10.08 -4.81 -8.87
C GLU D 62 -10.91 -3.79 -9.64
N ASP D 63 -11.07 -4.05 -10.94
CA ASP D 63 -11.89 -3.18 -11.78
C ASP D 63 -13.36 -3.57 -11.58
N MET D 64 -14.03 -2.87 -10.67
CA MET D 64 -15.45 -3.15 -10.43
C MET D 64 -16.30 -2.80 -11.64
N SER D 65 -15.86 -1.84 -12.46
CA SER D 65 -16.61 -1.46 -13.65
C SER D 65 -16.72 -2.59 -14.67
N ALA D 66 -15.91 -3.65 -14.53
CA ALA D 66 -16.06 -4.81 -15.39
C ALA D 66 -17.39 -5.52 -15.19
N TYR D 67 -18.02 -5.36 -14.03
CA TYR D 67 -19.32 -5.94 -13.76
C TYR D 67 -20.34 -4.98 -13.16
N VAL D 68 -19.92 -3.77 -12.76
CA VAL D 68 -20.82 -2.77 -12.21
C VAL D 68 -21.14 -1.76 -13.31
N LYS D 69 -22.43 -1.56 -13.58
CA LYS D 69 -22.85 -0.58 -14.57
C LYS D 69 -22.87 0.83 -14.00
N LYS D 70 -23.44 0.98 -12.81
CA LYS D 70 -23.55 2.29 -12.17
C LYS D 70 -23.88 2.07 -10.70
N ILE D 71 -23.61 3.09 -9.88
CA ILE D 71 -23.95 3.09 -8.47
C ILE D 71 -24.67 4.39 -8.15
N GLN D 72 -25.86 4.28 -7.57
CA GLN D 72 -26.65 5.44 -7.19
C GLN D 72 -26.49 5.72 -5.70
N PHE D 73 -26.37 7.01 -5.37
CA PHE D 73 -26.25 7.46 -3.98
C PHE D 73 -27.43 8.39 -3.68
N LYS D 74 -28.38 7.91 -2.90
CA LYS D 74 -29.57 8.69 -2.55
C LYS D 74 -29.30 9.44 -1.24
N LEU D 75 -29.18 10.76 -1.32
CA LEU D 75 -28.97 11.59 -0.16
C LEU D 75 -30.30 11.98 0.47
N HIS D 76 -30.24 12.72 1.57
CA HIS D 76 -31.46 13.22 2.21
C HIS D 76 -32.23 14.11 1.25
N GLU D 77 -33.56 14.04 1.33
CA GLU D 77 -34.41 14.74 0.37
C GLU D 77 -34.23 16.25 0.40
N SER D 78 -33.67 16.80 1.48
CA SER D 78 -33.47 18.25 1.56
C SER D 78 -32.34 18.74 0.67
N TYR D 79 -31.45 17.85 0.24
CA TYR D 79 -30.36 18.25 -0.65
C TYR D 79 -30.89 18.61 -2.03
N GLY D 80 -30.15 19.48 -2.72
CA GLY D 80 -30.39 19.69 -4.13
C GLY D 80 -29.84 18.52 -4.94
N ASN D 81 -30.68 17.97 -5.82
CA ASN D 81 -30.38 16.75 -6.55
C ASN D 81 -30.02 15.64 -5.58
N PRO D 82 -30.99 15.11 -4.82
CA PRO D 82 -30.66 14.11 -3.80
C PRO D 82 -30.19 12.78 -4.37
N LEU D 83 -30.50 12.48 -5.63
CA LEU D 83 -30.11 11.21 -6.23
C LEU D 83 -28.92 11.44 -7.17
N ARG D 84 -27.76 10.92 -6.77
CA ARG D 84 -26.54 11.04 -7.54
C ARG D 84 -26.17 9.69 -8.14
N VAL D 85 -25.62 9.70 -9.35
CA VAL D 85 -25.24 8.48 -10.04
C VAL D 85 -23.78 8.59 -10.47
N VAL D 86 -23.02 7.52 -10.25
CA VAL D 86 -21.62 7.42 -10.67
C VAL D 86 -21.48 6.19 -11.55
N THR D 87 -20.92 6.40 -12.75
CA THR D 87 -20.79 5.32 -13.73
C THR D 87 -19.36 4.83 -13.91
N LYS D 88 -18.36 5.56 -13.41
CA LYS D 88 -16.96 5.16 -13.53
C LYS D 88 -16.26 5.37 -12.20
N PRO D 89 -15.31 4.50 -11.86
CA PRO D 89 -14.61 4.64 -10.59
C PRO D 89 -13.76 5.89 -10.58
N PRO D 90 -13.48 6.46 -9.38
CA PRO D 90 -13.91 5.96 -8.08
C PRO D 90 -15.39 6.23 -7.79
N TYR D 91 -16.09 5.21 -7.27
CA TYR D 91 -17.51 5.34 -6.95
C TYR D 91 -17.64 6.08 -5.63
N GLU D 92 -17.63 7.42 -5.72
CA GLU D 92 -17.68 8.28 -4.55
C GLU D 92 -18.52 9.50 -4.84
N ILE D 93 -19.11 10.06 -3.79
CA ILE D 93 -19.89 11.30 -3.87
C ILE D 93 -19.46 12.19 -2.71
N THR D 94 -19.06 13.42 -3.04
CA THR D 94 -18.59 14.37 -2.06
C THR D 94 -19.60 15.50 -1.89
N GLU D 95 -19.89 15.86 -0.65
CA GLU D 95 -20.84 16.92 -0.33
C GLU D 95 -20.46 17.56 0.99
N THR D 96 -21.27 18.53 1.41
CA THR D 96 -21.10 19.20 2.69
C THR D 96 -22.43 19.22 3.42
N GLY D 97 -22.37 19.47 4.72
CA GLY D 97 -23.59 19.50 5.51
C GLY D 97 -23.29 19.78 6.96
N TRP D 98 -24.30 19.60 7.80
CA TRP D 98 -24.18 19.85 9.24
C TRP D 98 -24.67 18.70 10.11
N GLY D 99 -25.17 17.62 9.52
CA GLY D 99 -25.71 16.53 10.32
C GLY D 99 -25.51 15.18 9.66
N GLU D 100 -25.82 14.15 10.43
CA GLU D 100 -25.64 12.77 10.01
C GLU D 100 -26.98 12.18 9.59
N PHE D 101 -27.03 11.59 8.39
CA PHE D 101 -28.26 11.00 7.88
C PHE D 101 -27.94 9.70 7.15
N GLU D 102 -28.99 8.95 6.85
CA GLU D 102 -28.85 7.66 6.17
C GLU D 102 -28.79 7.87 4.67
N ILE D 103 -27.82 7.22 4.03
CA ILE D 103 -27.65 7.25 2.58
C ILE D 103 -27.97 5.87 2.04
N ILE D 104 -28.78 5.82 0.98
CA ILE D 104 -29.12 4.57 0.31
C ILE D 104 -28.22 4.42 -0.90
N ILE D 105 -27.52 3.29 -0.98
CA ILE D 105 -26.58 3.02 -2.06
C ILE D 105 -27.12 1.87 -2.89
N LYS D 106 -27.37 2.12 -4.18
CA LYS D 106 -27.91 1.12 -5.10
C LYS D 106 -26.86 0.81 -6.15
N ILE D 107 -26.48 -0.47 -6.24
CA ILE D 107 -25.41 -0.91 -7.12
C ILE D 107 -26.04 -1.69 -8.27
N PHE D 108 -25.92 -1.15 -9.48
CA PHE D 108 -26.47 -1.75 -10.68
C PHE D 108 -25.38 -2.50 -11.44
N PHE D 109 -25.75 -3.63 -12.04
CA PHE D 109 -24.79 -4.50 -12.70
C PHE D 109 -24.98 -4.49 -14.21
N ILE D 110 -23.93 -4.94 -14.91
CA ILE D 110 -23.92 -4.87 -16.37
C ILE D 110 -24.98 -5.78 -16.96
N ASP D 111 -25.05 -7.03 -16.49
CA ASP D 111 -26.07 -7.96 -16.94
C ASP D 111 -27.44 -7.39 -16.62
N PRO D 112 -28.22 -6.99 -17.62
CA PRO D 112 -29.54 -6.39 -17.35
C PRO D 112 -30.47 -7.29 -16.56
N ASN D 113 -30.24 -8.61 -16.59
CA ASN D 113 -30.99 -9.55 -15.76
C ASN D 113 -30.31 -9.61 -14.39
N GLU D 114 -30.52 -8.56 -13.60
CA GLU D 114 -29.87 -8.47 -12.31
C GLU D 114 -30.57 -7.41 -11.48
N ARG D 115 -31.09 -7.81 -10.32
CA ARG D 115 -31.60 -6.86 -9.35
C ARG D 115 -30.44 -6.11 -8.70
N PRO D 116 -30.58 -4.81 -8.47
CA PRO D 116 -29.50 -4.06 -7.83
C PRO D 116 -29.30 -4.47 -6.37
N VAL D 117 -28.09 -4.22 -5.89
CA VAL D 117 -27.77 -4.41 -4.48
C VAL D 117 -27.96 -3.08 -3.77
N THR D 118 -28.76 -3.09 -2.70
CA THR D 118 -29.12 -1.88 -1.96
C THR D 118 -28.42 -1.91 -0.60
N LEU D 119 -27.56 -0.91 -0.37
CA LEU D 119 -26.87 -0.75 0.90
C LEU D 119 -27.42 0.47 1.62
N TYR D 120 -27.32 0.45 2.95
CA TYR D 120 -27.74 1.57 3.79
C TYR D 120 -26.56 1.96 4.68
N HIS D 121 -26.16 3.22 4.61
CA HIS D 121 -25.04 3.71 5.39
C HIS D 121 -25.45 4.96 6.16
N LEU D 122 -25.22 4.96 7.47
CA LEU D 122 -25.39 6.16 8.28
C LEU D 122 -24.12 6.99 8.17
N LEU D 123 -24.25 8.17 7.58
CA LEU D 123 -23.11 9.08 7.46
C LEU D 123 -22.59 9.44 8.85
N LYS D 124 -21.27 9.41 9.02
CA LYS D 124 -20.63 9.77 10.28
C LYS D 124 -19.85 11.06 10.09
N LEU D 125 -20.17 12.06 10.89
CA LEU D 125 -19.49 13.35 10.85
C LEU D 125 -18.73 13.68 12.13
N PHE D 126 -19.32 13.39 13.28
CA PHE D 126 -18.80 13.88 14.55
C PHE D 126 -17.88 12.85 15.19
N GLN D 127 -16.70 13.30 15.60
CA GLN D 127 -15.73 12.41 16.23
C GLN D 127 -16.23 11.96 17.59
N SER D 128 -16.11 10.67 17.86
CA SER D 128 -16.57 10.12 19.14
C SER D 128 -15.70 10.63 20.28
N ASP D 129 -16.16 10.35 21.51
CA ASP D 129 -15.44 10.77 22.70
C ASP D 129 -14.12 10.01 22.88
N THR D 130 -13.94 8.88 22.19
CA THR D 130 -12.70 8.10 22.25
C THR D 130 -12.19 7.60 20.90
N ASN D 131 -13.06 7.35 19.89
CA ASN D 131 -12.59 6.81 18.62
C ASN D 131 -11.63 7.74 17.90
N ALA D 132 -11.66 9.05 18.19
CA ALA D 132 -10.73 9.98 17.55
C ALA D 132 -10.32 11.12 18.48
N MET D 133 -10.46 10.96 19.80
CA MET D 133 -10.04 12.00 20.74
C MET D 133 -8.53 12.15 20.83
N LEU D 134 -7.76 11.29 20.15
CA LEU D 134 -6.31 11.37 20.15
C LEU D 134 -5.76 12.48 19.25
N GLY D 135 -6.60 13.41 18.83
CA GLY D 135 -6.18 14.48 17.94
C GLY D 135 -6.36 14.21 16.46
N LYS D 136 -7.22 13.27 16.07
CA LYS D 136 -7.40 12.95 14.66
C LYS D 136 -8.07 14.12 13.92
N LYS D 137 -7.82 14.18 12.61
CA LYS D 137 -8.36 15.23 11.77
C LYS D 137 -9.44 14.76 10.81
N THR D 138 -9.61 13.45 10.65
CA THR D 138 -10.59 12.90 9.73
C THR D 138 -11.36 11.78 10.43
N VAL D 139 -12.67 11.72 10.16
CA VAL D 139 -13.54 10.68 10.68
C VAL D 139 -13.80 9.66 9.57
N VAL D 140 -13.71 8.39 9.91
CA VAL D 140 -13.95 7.30 8.97
C VAL D 140 -14.95 6.32 9.57
N SER D 141 -15.92 5.91 8.76
CA SER D 141 -16.89 4.90 9.15
C SER D 141 -17.22 4.06 7.92
N GLU D 142 -16.72 2.83 7.88
CA GLU D 142 -16.93 1.96 6.75
C GLU D 142 -17.26 0.55 7.22
N PHE D 143 -17.89 -0.22 6.34
CA PHE D 143 -18.36 -1.55 6.68
C PHE D 143 -18.12 -2.51 5.51
N TYR D 144 -18.00 -3.79 5.85
CA TYR D 144 -17.80 -4.85 4.86
C TYR D 144 -19.14 -5.44 4.46
N ASP D 145 -19.25 -5.81 3.18
CA ASP D 145 -20.44 -6.47 2.67
C ASP D 145 -20.05 -7.26 1.43
N GLU D 146 -21.02 -7.99 0.87
CA GLU D 146 -20.77 -8.87 -0.26
C GLU D 146 -21.90 -8.74 -1.27
N MET D 147 -21.54 -8.78 -2.55
CA MET D 147 -22.48 -8.70 -3.65
C MET D 147 -22.59 -10.06 -4.30
N ILE D 148 -23.80 -10.63 -4.30
CA ILE D 148 -24.08 -11.93 -4.91
C ILE D 148 -24.90 -11.67 -6.16
N PHE D 149 -24.28 -11.87 -7.32
CA PHE D 149 -24.91 -11.54 -8.59
C PHE D 149 -24.44 -12.54 -9.65
N GLN D 150 -24.99 -12.39 -10.86
CA GLN D 150 -24.62 -13.21 -12.01
C GLN D 150 -24.75 -14.70 -11.74
C10 V91 E . 6.13 -6.77 23.93
C13 V91 E . -1.92 -4.09 25.34
C15 V91 E . -1.33 -6.02 25.90
C21 V91 E . 9.04 -6.78 24.34
C22 V91 E . 9.64 -6.24 23.30
C01 V91 E . 1.51 -5.97 24.35
C02 V91 E . 1.19 -7.35 24.59
C03 V91 E . 2.55 -8.20 24.52
C04 V91 E . 3.64 -7.29 24.26
C06 V91 E . 0.52 -4.80 24.34
C11 V91 E . 7.55 -7.29 23.81
C14 V91 E . -2.34 -5.05 26.41
C16 V91 E . -2.95 -4.73 27.76
C18 V91 E . -3.85 -5.00 30.04
C19 V91 E . -3.92 -3.60 29.68
C23 V91 E . 8.79 -6.63 22.03
N07 V91 E . -0.71 -4.94 25.07
N09 V91 E . 5.03 -7.70 24.13
N20 V91 E . -3.34 -3.44 28.23
N24 V91 E . 7.82 -7.72 22.58
O08 V91 E . 0.77 -3.81 23.76
O12 V91 E . 5.94 -5.60 23.83
S05 V91 E . 3.04 -5.86 24.14
S17 V91 E . -3.24 -5.74 28.88
C1 EDO F . -5.19 0.12 12.34
O1 EDO F . -6.47 -0.34 12.78
C2 EDO F . -5.37 1.29 11.38
O2 EDO F . -5.90 2.42 12.09
S DMS G . -7.45 -4.06 6.94
O DMS G . -8.53 -4.43 5.98
C1 DMS G . -5.93 -3.64 6.04
C2 DMS G . -7.83 -2.44 7.67
C10 V91 H . -6.12 12.02 -21.98
C13 V91 H . 2.18 14.41 -22.00
C15 V91 H . 1.41 13.41 -23.67
C21 V91 H . -8.80 11.83 -23.21
C22 V91 H . -9.96 11.79 -22.59
C01 V91 H . -1.46 12.67 -22.28
C02 V91 H . -1.31 11.81 -23.43
C03 V91 H . -2.75 11.23 -23.81
C04 V91 H . -3.72 11.76 -22.87
C06 V91 H . -0.34 13.45 -21.58
C11 V91 H . -7.58 11.62 -22.11
C14 V91 H . 2.51 14.37 -23.45
C16 V91 H . 3.64 15.03 -24.23
C18 V91 H . 4.94 16.67 -25.53
C19 V91 H . 5.74 15.48 -25.36
C23 V91 H . -9.63 11.93 -21.06
N07 V91 H . 0.90 13.71 -22.30
N09 V91 H . -5.14 11.46 -22.89
N20 V91 H . 4.90 14.45 -24.53
N24 V91 H . -8.17 11.40 -20.93
O08 V91 H . -0.47 13.82 -20.47
O12 V91 H . -5.81 12.80 -21.13
S05 V91 H . -2.95 12.69 -21.87
S17 V91 H . 3.61 16.44 -24.85
C1 EDO I . 5.79 8.93 -9.16
O1 EDO I . 6.44 8.44 -10.33
C2 EDO I . 6.71 9.90 -8.43
O2 EDO I . 6.06 10.39 -7.25
C1 EDO J . -1.87 14.17 -5.55
O1 EDO J . -0.51 13.72 -5.65
C2 EDO J . -2.07 14.91 -4.24
O2 EDO J . -1.27 16.09 -4.23
C1 EDO K . 1.65 -18.74 -18.67
O1 EDO K . 0.79 -18.52 -19.79
C2 EDO K . 1.48 -17.63 -17.65
O2 EDO K . 0.14 -17.61 -17.17
C10 V91 L . 30.52 17.65 0.95
C13 V91 L . 28.02 17.51 9.16
C15 V91 L . 29.98 17.00 8.57
C21 V91 L . 32.48 18.61 -0.99
C22 V91 L . 32.05 19.67 -1.65
C01 V91 L . 29.34 16.77 5.44
C02 V91 L . 30.45 15.86 5.65
C03 V91 L . 31.30 15.80 4.30
C04 V91 L . 30.69 16.68 3.32
C06 V91 L . 28.28 17.12 6.47
C11 V91 L . 31.16 17.82 -0.42
C14 V91 L . 29.29 17.19 9.87
C16 V91 L . 29.52 16.76 11.32
C18 V91 L . 30.45 16.63 13.59
C19 V91 L . 29.38 15.68 13.48
C23 V91 L . 30.52 19.40 -1.94
N07 V91 L . 28.68 17.20 7.86
N09 V91 L . 31.19 16.88 1.98
N20 V91 L . 28.79 15.78 12.04
N24 V91 L . 30.25 17.97 -1.38
O08 V91 L . 27.17 17.34 6.14
O12 V91 L . 29.47 18.16 1.15
S05 V91 L . 29.44 17.32 3.99
S17 V91 L . 30.59 17.35 12.27
C1 EDO M . 11.11 -3.40 13.81
O1 EDO M . 11.03 -3.30 12.38
C2 EDO M . 11.71 -2.12 14.41
O2 EDO M . 10.88 -0.97 14.20
C10 V91 N . -29.64 14.80 10.65
C13 V91 N . -27.07 19.89 4.14
C15 V91 N . -28.90 18.90 3.99
C21 V91 N . -31.61 13.66 12.51
C22 V91 N . -31.39 13.44 13.80
C01 V91 N . -28.51 17.11 6.70
C02 V91 N . -29.68 16.64 5.99
C03 V91 N . -30.47 15.62 6.93
C04 V91 N . -29.74 15.52 8.18
C06 V91 N . -27.48 18.11 6.17
C11 V91 N . -30.16 13.88 11.74
C14 V91 N . -28.35 20.15 3.40
C16 V91 N . -28.94 21.49 2.99
C18 V91 N . -30.60 23.22 2.41
C19 V91 N . -29.27 23.79 2.33
C23 V91 N . -29.84 13.64 14.02
N07 V91 N . -27.76 18.85 4.95
N09 V91 N . -30.16 14.68 9.30
N20 V91 N . -28.23 22.68 2.71
N24 V91 N . -29.22 13.49 12.60
O08 V91 N . -26.47 18.29 6.76
O12 V91 N . -28.82 15.61 10.93
S05 V91 N . -28.49 16.44 8.10
S17 V91 N . -30.45 21.77 2.82
C1 EDO O . -6.20 -3.43 -0.98
O1 EDO O . -6.56 -4.30 -2.06
C2 EDO O . -7.16 -3.63 0.17
O2 EDO O . -7.10 -4.99 0.61
#